data_7RG5
#
_entry.id   7RG5
#
_cell.length_a   47.751
_cell.length_b   59.183
_cell.length_c   86.239
_cell.angle_alpha   90.000
_cell.angle_beta   96.319
_cell.angle_gamma   90.000
#
_symmetry.space_group_name_H-M   'P 1 21 1'
#
loop_
_entity.id
_entity.type
_entity.pdbx_description
1 polymer 'Importin subunit alpha-3'
2 polymer 'Isoform 3 of Nuclear factor NF-kappa-B p105 subunit'
3 water water
#
loop_
_entity_poly.entity_id
_entity_poly.type
_entity_poly.pdbx_seq_one_letter_code
_entity_poly.pdbx_strand_id
1 'polypeptide(L)'
;SGDYRVQNTSLEAIVQNASSDNQGIQLSAVQAARKLLSSDRNPPIDDLIKSGILPILVHCLERDDNPSLQFEAAWALTNI
ASGTSEQTQAVVQSNAVPLFLRLLHSPHQNVCEQAVWALGNIIGDGPQCRDYVISLGVVKPLLSFISPSIPITFLRNVTW
VMVNLCRHKDPPPPMETIQEILPALCVLIHHTDVNILVDTVWALSYLTDAGNEQIQMVIDSGIVPHLVPLLSHQEVKVQT
AALRAVGNIVTGTDEQTQVVLNCDALSHFPALLTHPKEKINKEAVWFLSNITAGNQQQVQAVIDANLVPMIIHLLDKGDF
GTQKEAAWAISNLTISGRKDQVAYLIQQNVIPPFCNLLTVKDAQVVQVVLDGLSNILKMAEDEAETIGNLIEECGGLEKI
EQLQNHENEDIYKLAYEIIDQFFSSDDIDEDPSLVPEAIQGGTFGFNSSANVPTEGFQF
;
A
2 'polypeptide(L)' VQLRRKSDLETSEPKPFLYYPEIKDKEEVQRKRQKLMPNF B
#
# COMPACT_ATOMS: atom_id res chain seq x y z
N SER A 10 -32.75 12.06 28.07
CA SER A 10 -32.19 10.72 28.18
C SER A 10 -32.24 9.99 26.85
N LEU A 11 -31.46 8.92 26.72
CA LEU A 11 -31.41 8.16 25.48
C LEU A 11 -32.72 7.42 25.23
N GLU A 12 -33.34 6.93 26.30
CA GLU A 12 -34.64 6.25 26.18
C GLU A 12 -35.66 7.16 25.50
N ALA A 13 -35.76 8.40 25.97
CA ALA A 13 -36.68 9.36 25.36
C ALA A 13 -36.33 9.60 23.90
N ILE A 14 -35.03 9.68 23.59
CA ILE A 14 -34.61 9.92 22.21
C ILE A 14 -35.11 8.79 21.31
N VAL A 15 -34.94 7.54 21.74
CA VAL A 15 -35.39 6.42 20.93
C VAL A 15 -36.91 6.45 20.77
N GLN A 16 -37.63 6.55 21.89
CA GLN A 16 -39.08 6.56 21.82
C GLN A 16 -39.59 7.65 20.89
N ASN A 17 -39.02 8.85 20.99
CA ASN A 17 -39.42 9.94 20.10
C ASN A 17 -39.02 9.66 18.67
N ALA A 18 -37.88 8.99 18.45
CA ALA A 18 -37.48 8.64 17.10
C ALA A 18 -38.46 7.68 16.46
N SER A 19 -39.23 6.96 17.25
CA SER A 19 -40.27 6.09 16.70
C SER A 19 -41.63 6.79 16.56
N SER A 20 -41.69 8.11 16.76
CA SER A 20 -42.96 8.82 16.77
C SER A 20 -43.50 9.05 15.37
N ASP A 21 -44.83 9.13 15.26
CA ASP A 21 -45.50 9.45 14.01
C ASP A 21 -45.56 10.94 13.74
N ASN A 22 -45.31 11.78 14.74
CA ASN A 22 -45.19 13.22 14.54
C ASN A 22 -43.81 13.50 13.93
N GLN A 23 -43.80 14.06 12.72
CA GLN A 23 -42.55 14.19 11.99
C GLN A 23 -41.58 15.10 12.73
N GLY A 24 -42.07 16.15 13.37
CA GLY A 24 -41.19 17.04 14.10
C GLY A 24 -40.51 16.35 15.27
N ILE A 25 -41.29 15.65 16.10
CA ILE A 25 -40.73 14.91 17.22
C ILE A 25 -39.69 13.90 16.72
N GLN A 26 -40.02 13.16 15.67
CA GLN A 26 -39.12 12.15 15.14
C GLN A 26 -37.82 12.76 14.66
N LEU A 27 -37.91 13.81 13.84
CA LEU A 27 -36.69 14.44 13.32
C LEU A 27 -35.85 15.01 14.44
N SER A 28 -36.48 15.64 15.43
CA SER A 28 -35.73 16.19 16.56
C SER A 28 -34.99 15.08 17.31
N ALA A 29 -35.64 13.93 17.52
CA ALA A 29 -34.98 12.83 18.20
C ALA A 29 -33.78 12.32 17.39
N VAL A 30 -33.98 12.10 16.10
CA VAL A 30 -32.88 11.60 15.26
C VAL A 30 -31.74 12.60 15.23
N GLN A 31 -32.05 13.89 15.22
CA GLN A 31 -31.02 14.91 15.20
C GLN A 31 -30.25 14.95 16.52
N ALA A 32 -30.96 14.76 17.64
CA ALA A 32 -30.27 14.67 18.93
C ALA A 32 -29.31 13.49 18.95
N ALA A 33 -29.74 12.34 18.42
CA ALA A 33 -28.85 11.20 18.33
C ALA A 33 -27.62 11.53 17.48
N ARG A 34 -27.85 12.08 16.29
CA ARG A 34 -26.74 12.45 15.40
C ARG A 34 -25.75 13.36 16.12
N LYS A 35 -26.27 14.39 16.81
CA LYS A 35 -25.39 15.32 17.51
C LYS A 35 -24.60 14.60 18.60
N LEU A 36 -25.25 13.69 19.33
CA LEU A 36 -24.52 12.90 20.31
C LEU A 36 -23.39 12.12 19.65
N LEU A 37 -23.56 11.70 18.41
CA LEU A 37 -22.59 10.87 17.72
C LEU A 37 -21.64 11.65 16.82
N SER A 38 -21.73 12.99 16.78
CA SER A 38 -20.95 13.75 15.82
C SER A 38 -20.35 15.04 16.37
N SER A 39 -20.33 15.22 17.70
CA SER A 39 -19.80 16.45 18.28
C SER A 39 -18.37 16.33 18.78
N ASP A 40 -17.91 15.13 19.10
CA ASP A 40 -16.58 14.91 19.64
C ASP A 40 -15.94 13.71 18.96
N ARG A 41 -14.64 13.57 19.15
CA ARG A 41 -13.88 12.46 18.59
C ARG A 41 -14.01 11.18 19.41
N ASN A 42 -14.72 11.22 20.53
CA ASN A 42 -14.97 10.04 21.36
C ASN A 42 -16.47 9.93 21.62
N PRO A 43 -17.24 9.52 20.62
CA PRO A 43 -18.70 9.48 20.74
C PRO A 43 -19.15 8.33 21.62
N PRO A 44 -20.42 8.35 22.07
CA PRO A 44 -20.95 7.26 22.92
C PRO A 44 -21.68 6.20 22.10
N ILE A 45 -20.92 5.46 21.29
CA ILE A 45 -21.53 4.55 20.32
C ILE A 45 -22.24 3.40 21.03
N ASP A 46 -21.58 2.78 22.01
CA ASP A 46 -22.18 1.64 22.69
C ASP A 46 -23.47 2.02 23.39
N ASP A 47 -23.50 3.21 24.00
CA ASP A 47 -24.72 3.66 24.67
C ASP A 47 -25.89 3.74 23.69
N LEU A 48 -25.64 4.25 22.48
CA LEU A 48 -26.72 4.34 21.50
C LEU A 48 -27.10 2.96 20.97
N ILE A 49 -26.13 2.09 20.74
CA ILE A 49 -26.43 0.75 20.25
C ILE A 49 -27.33 0.02 21.25
N LYS A 50 -26.94 0.04 22.54
CA LYS A 50 -27.72 -0.64 23.56
C LYS A 50 -29.12 -0.04 23.71
N SER A 51 -29.30 1.22 23.33
CA SER A 51 -30.60 1.86 23.48
C SER A 51 -31.65 1.31 22.52
N GLY A 52 -31.23 0.58 21.50
CA GLY A 52 -32.16 0.06 20.52
C GLY A 52 -32.52 1.03 19.41
N ILE A 53 -31.68 2.03 19.15
CA ILE A 53 -32.02 3.04 18.15
C ILE A 53 -31.72 2.59 16.73
N LEU A 54 -30.85 1.61 16.55
CA LEU A 54 -30.41 1.16 15.22
C LEU A 54 -31.59 0.88 14.30
N PRO A 55 -32.51 -0.02 14.65
CA PRO A 55 -33.61 -0.32 13.73
C PRO A 55 -34.45 0.90 13.39
N ILE A 56 -34.55 1.86 14.31
CA ILE A 56 -35.31 3.08 14.03
C ILE A 56 -34.61 3.90 12.95
N LEU A 57 -33.29 4.06 13.06
CA LEU A 57 -32.54 4.77 12.04
C LEU A 57 -32.62 4.04 10.69
N VAL A 58 -32.53 2.71 10.73
CA VAL A 58 -32.63 1.94 9.49
C VAL A 58 -33.99 2.18 8.84
N HIS A 59 -35.05 2.19 9.63
CA HIS A 59 -36.37 2.53 9.10
C HIS A 59 -36.38 3.92 8.49
N CYS A 60 -35.80 4.89 9.21
CA CYS A 60 -35.75 6.26 8.71
C CYS A 60 -35.06 6.34 7.35
N LEU A 61 -34.09 5.45 7.11
CA LEU A 61 -33.42 5.45 5.80
C LEU A 61 -34.41 5.27 4.64
N GLU A 62 -35.61 4.75 4.91
CA GLU A 62 -36.59 4.52 3.85
C GLU A 62 -37.40 5.76 3.49
N ARG A 63 -37.41 6.78 4.34
CA ARG A 63 -38.30 7.93 4.20
C ARG A 63 -37.82 8.82 3.05
N ASP A 64 -38.13 8.38 1.82
CA ASP A 64 -37.77 9.15 0.64
C ASP A 64 -38.48 10.49 0.59
N ASP A 65 -39.57 10.66 1.34
CA ASP A 65 -40.31 11.91 1.33
C ASP A 65 -39.61 13.03 2.09
N ASN A 66 -38.73 12.68 3.04
CA ASN A 66 -38.03 13.66 3.88
C ASN A 66 -36.53 13.44 3.72
N PRO A 67 -35.90 14.08 2.74
CA PRO A 67 -34.45 13.90 2.58
C PRO A 67 -33.65 14.28 3.82
N SER A 68 -34.13 15.22 4.62
CA SER A 68 -33.39 15.62 5.82
C SER A 68 -33.37 14.50 6.86
N LEU A 69 -34.50 13.81 7.04
CA LEU A 69 -34.54 12.70 7.98
C LEU A 69 -33.61 11.58 7.52
N GLN A 70 -33.66 11.24 6.23
CA GLN A 70 -32.74 10.24 5.70
C GLN A 70 -31.30 10.65 5.93
N PHE A 71 -30.96 11.91 5.67
CA PHE A 71 -29.60 12.38 5.86
C PHE A 71 -29.16 12.26 7.31
N GLU A 72 -30.02 12.66 8.25
CA GLU A 72 -29.66 12.60 9.66
C GLU A 72 -29.48 11.16 10.13
N ALA A 73 -30.40 10.27 9.74
CA ALA A 73 -30.27 8.87 10.11
C ALA A 73 -29.00 8.26 9.51
N ALA A 74 -28.70 8.57 8.25
CA ALA A 74 -27.50 8.04 7.63
C ALA A 74 -26.26 8.59 8.31
N TRP A 75 -26.30 9.84 8.77
CA TRP A 75 -25.18 10.42 9.51
C TRP A 75 -24.95 9.68 10.82
N ALA A 76 -26.03 9.47 11.58
CA ALA A 76 -25.91 8.73 12.83
C ALA A 76 -25.33 7.34 12.59
N LEU A 77 -25.86 6.62 11.59
CA LEU A 77 -25.37 5.29 11.31
C LEU A 77 -23.92 5.30 10.83
N THR A 78 -23.54 6.32 10.04
CA THR A 78 -22.17 6.47 9.62
C THR A 78 -21.24 6.58 10.82
N ASN A 79 -21.63 7.38 11.81
CA ASN A 79 -20.75 7.59 12.95
C ASN A 79 -20.76 6.41 13.90
N ILE A 80 -21.85 5.63 13.94
CA ILE A 80 -21.82 4.38 14.70
C ILE A 80 -20.90 3.37 14.00
N ALA A 81 -20.95 3.32 12.68
CA ALA A 81 -20.13 2.39 11.90
C ALA A 81 -18.67 2.80 11.82
N SER A 82 -18.30 3.97 12.35
CA SER A 82 -16.92 4.43 12.33
C SER A 82 -16.13 3.96 13.55
N GLY A 83 -16.74 3.18 14.44
CA GLY A 83 -16.06 2.72 15.63
C GLY A 83 -15.41 1.36 15.47
N THR A 84 -15.49 0.54 16.51
CA THR A 84 -14.88 -0.78 16.47
C THR A 84 -15.59 -1.68 15.46
N SER A 85 -14.98 -2.83 15.18
CA SER A 85 -15.60 -3.79 14.29
C SER A 85 -16.93 -4.28 14.84
N GLU A 86 -17.05 -4.37 16.18
CA GLU A 86 -18.29 -4.82 16.78
C GLU A 86 -19.43 -3.84 16.50
N GLN A 87 -19.15 -2.54 16.56
CA GLN A 87 -20.19 -1.54 16.33
C GLN A 87 -20.57 -1.46 14.85
N THR A 88 -19.58 -1.53 13.97
CA THR A 88 -19.87 -1.60 12.54
C THR A 88 -20.71 -2.84 12.23
N GLN A 89 -20.38 -3.98 12.82
CA GLN A 89 -21.17 -5.18 12.58
C GLN A 89 -22.55 -5.08 13.21
N ALA A 90 -22.70 -4.30 14.29
CA ALA A 90 -24.02 -4.03 14.81
C ALA A 90 -24.86 -3.27 13.78
N VAL A 91 -24.25 -2.29 13.13
CA VAL A 91 -24.96 -1.60 12.04
C VAL A 91 -25.29 -2.56 10.92
N VAL A 92 -24.35 -3.44 10.57
CA VAL A 92 -24.56 -4.36 9.46
C VAL A 92 -25.70 -5.33 9.77
N GLN A 93 -25.75 -5.82 11.01
CA GLN A 93 -26.77 -6.79 11.41
C GLN A 93 -28.16 -6.18 11.43
N SER A 94 -28.27 -4.85 11.45
CA SER A 94 -29.56 -4.17 11.42
C SER A 94 -30.10 -4.05 10.00
N ASN A 95 -29.49 -4.71 9.02
CA ASN A 95 -29.93 -4.67 7.62
C ASN A 95 -29.79 -3.29 7.01
N ALA A 96 -28.76 -2.54 7.43
CA ALA A 96 -28.57 -1.18 6.93
C ALA A 96 -28.00 -1.14 5.53
N VAL A 97 -27.21 -2.16 5.15
CA VAL A 97 -26.50 -2.10 3.87
C VAL A 97 -27.46 -2.09 2.69
N PRO A 98 -28.49 -2.93 2.62
CA PRO A 98 -29.42 -2.85 1.48
C PRO A 98 -30.08 -1.50 1.34
N LEU A 99 -30.45 -0.87 2.46
CA LEU A 99 -31.09 0.44 2.39
C LEU A 99 -30.10 1.53 2.01
N PHE A 100 -28.84 1.43 2.44
CA PHE A 100 -27.83 2.36 1.96
C PHE A 100 -27.62 2.22 0.46
N LEU A 101 -27.61 0.98 -0.03
CA LEU A 101 -27.47 0.76 -1.46
C LEU A 101 -28.64 1.34 -2.23
N ARG A 102 -29.84 1.24 -1.66
CA ARG A 102 -30.99 1.94 -2.26
C ARG A 102 -30.76 3.45 -2.26
N LEU A 103 -30.30 4.00 -1.15
CA LEU A 103 -30.09 5.45 -1.05
C LEU A 103 -29.07 5.93 -2.08
N LEU A 104 -28.13 5.07 -2.47
CA LEU A 104 -27.17 5.47 -3.49
C LEU A 104 -27.85 5.97 -4.76
N HIS A 105 -29.12 5.63 -4.98
CA HIS A 105 -29.86 6.08 -6.15
C HIS A 105 -30.78 7.25 -5.86
N SER A 106 -30.65 7.87 -4.69
CA SER A 106 -31.46 9.05 -4.40
C SER A 106 -31.10 10.19 -5.35
N PRO A 107 -32.04 11.08 -5.65
CA PRO A 107 -31.72 12.25 -6.47
C PRO A 107 -31.06 13.38 -5.71
N HIS A 108 -30.87 13.25 -4.40
CA HIS A 108 -30.34 14.30 -3.56
C HIS A 108 -28.86 14.02 -3.27
N GLN A 109 -28.00 14.94 -3.69
CA GLN A 109 -26.56 14.71 -3.60
C GLN A 109 -26.12 14.39 -2.19
N ASN A 110 -26.61 15.14 -1.19
CA ASN A 110 -26.15 14.94 0.18
C ASN A 110 -26.52 13.54 0.70
N VAL A 111 -27.72 13.07 0.37
CA VAL A 111 -28.13 11.73 0.79
C VAL A 111 -27.22 10.68 0.16
N CYS A 112 -26.98 10.81 -1.15
CA CYS A 112 -26.08 9.88 -1.82
CA CYS A 112 -26.07 9.89 -1.82
C CYS A 112 -24.70 9.88 -1.15
N GLU A 113 -24.17 11.06 -0.85
CA GLU A 113 -22.84 11.14 -0.26
C GLU A 113 -22.81 10.51 1.12
N GLN A 114 -23.85 10.73 1.92
CA GLN A 114 -23.85 10.13 3.26
C GLN A 114 -23.98 8.61 3.18
N ALA A 115 -24.76 8.12 2.20
CA ALA A 115 -24.82 6.68 1.98
C ALA A 115 -23.46 6.13 1.58
N VAL A 116 -22.76 6.84 0.69
CA VAL A 116 -21.41 6.43 0.30
C VAL A 116 -20.49 6.40 1.51
N TRP A 117 -20.60 7.40 2.38
CA TRP A 117 -19.75 7.48 3.56
C TRP A 117 -19.99 6.28 4.49
N ALA A 118 -21.26 6.00 4.77
CA ALA A 118 -21.60 4.85 5.60
C ALA A 118 -21.08 3.56 4.98
N LEU A 119 -21.31 3.38 3.67
CA LEU A 119 -20.86 2.16 3.01
C LEU A 119 -19.35 2.04 3.04
N GLY A 120 -18.64 3.18 3.00
CA GLY A 120 -17.20 3.13 3.11
C GLY A 120 -16.75 2.69 4.49
N ASN A 121 -17.39 3.21 5.53
CA ASN A 121 -17.06 2.75 6.88
C ASN A 121 -17.35 1.27 7.04
N ILE A 122 -18.42 0.78 6.41
CA ILE A 122 -18.77 -0.63 6.54
C ILE A 122 -17.78 -1.50 5.77
N ILE A 123 -17.46 -1.10 4.54
CA ILE A 123 -16.55 -1.89 3.70
C ILE A 123 -15.17 -1.98 4.33
N GLY A 124 -14.73 -0.93 5.02
CA GLY A 124 -13.40 -0.91 5.59
C GLY A 124 -13.22 -1.78 6.81
N ASP A 125 -14.30 -2.38 7.31
CA ASP A 125 -14.20 -3.20 8.52
C ASP A 125 -13.41 -4.48 8.26
N GLY A 126 -13.73 -5.18 7.18
CA GLY A 126 -13.08 -6.43 6.85
C GLY A 126 -13.43 -6.94 5.47
N PRO A 127 -12.73 -7.97 5.01
CA PRO A 127 -12.96 -8.46 3.64
C PRO A 127 -14.28 -9.19 3.47
N GLN A 128 -14.79 -9.85 4.51
CA GLN A 128 -16.09 -10.50 4.39
C GLN A 128 -17.21 -9.47 4.33
N CYS A 129 -17.12 -8.41 5.15
CA CYS A 129 -18.08 -7.32 5.06
C CYS A 129 -18.00 -6.64 3.69
N ARG A 130 -16.78 -6.38 3.23
CA ARG A 130 -16.56 -5.85 1.89
C ARG A 130 -17.24 -6.71 0.84
N ASP A 131 -17.07 -8.04 0.95
CA ASP A 131 -17.64 -8.93 -0.06
C ASP A 131 -19.16 -9.00 0.04
N TYR A 132 -19.72 -8.86 1.24
CA TYR A 132 -21.17 -8.76 1.35
C TYR A 132 -21.69 -7.52 0.64
N VAL A 133 -21.03 -6.38 0.87
CA VAL A 133 -21.47 -5.16 0.20
C VAL A 133 -21.25 -5.26 -1.30
N ILE A 134 -20.21 -5.97 -1.74
CA ILE A 134 -19.95 -6.14 -3.16
C ILE A 134 -21.03 -7.01 -3.80
N SER A 135 -21.37 -8.14 -3.15
CA SER A 135 -22.36 -9.04 -3.73
C SER A 135 -23.69 -8.34 -3.96
N LEU A 136 -23.98 -7.29 -3.21
CA LEU A 136 -25.23 -6.55 -3.37
C LEU A 136 -25.15 -5.46 -4.44
N GLY A 137 -23.97 -5.23 -5.02
CA GLY A 137 -23.85 -4.36 -6.18
C GLY A 137 -23.52 -2.91 -5.87
N VAL A 138 -22.58 -2.69 -4.95
CA VAL A 138 -22.22 -1.31 -4.60
C VAL A 138 -21.35 -0.67 -5.68
N VAL A 139 -20.55 -1.46 -6.40
CA VAL A 139 -19.45 -0.91 -7.18
C VAL A 139 -19.96 -0.08 -8.35
N LYS A 140 -20.93 -0.61 -9.10
CA LYS A 140 -21.43 0.13 -10.25
C LYS A 140 -22.03 1.48 -9.85
N PRO A 141 -22.96 1.55 -8.90
CA PRO A 141 -23.45 2.87 -8.46
C PRO A 141 -22.36 3.76 -7.92
N LEU A 142 -21.43 3.21 -7.13
CA LEU A 142 -20.36 4.02 -6.58
C LEU A 142 -19.54 4.67 -7.68
N LEU A 143 -19.10 3.88 -8.66
CA LEU A 143 -18.27 4.41 -9.74
C LEU A 143 -19.07 5.28 -10.70
N SER A 144 -20.40 5.16 -10.71
CA SER A 144 -21.21 6.03 -11.55
C SER A 144 -21.19 7.48 -11.08
N PHE A 145 -20.75 7.75 -9.86
CA PHE A 145 -20.68 9.13 -9.37
C PHE A 145 -19.50 9.90 -9.96
N ILE A 146 -18.47 9.21 -10.44
CA ILE A 146 -17.27 9.90 -10.94
C ILE A 146 -17.66 10.72 -12.16
N SER A 147 -17.39 12.02 -12.10
CA SER A 147 -17.78 12.94 -13.15
C SER A 147 -17.08 14.29 -12.96
N PRO A 148 -17.07 15.16 -13.97
CA PRO A 148 -16.54 16.51 -13.74
C PRO A 148 -17.44 17.36 -12.86
N SER A 149 -18.75 17.14 -12.91
CA SER A 149 -19.71 17.95 -12.16
C SER A 149 -19.77 17.59 -10.68
N ILE A 150 -19.14 16.49 -10.27
CA ILE A 150 -19.21 16.08 -8.86
C ILE A 150 -18.41 17.05 -8.01
N PRO A 151 -18.91 17.44 -6.83
CA PRO A 151 -18.07 18.23 -5.92
C PRO A 151 -16.83 17.46 -5.51
N ILE A 152 -15.73 18.18 -5.32
CA ILE A 152 -14.44 17.54 -5.06
C ILE A 152 -14.48 16.74 -3.78
N THR A 153 -15.22 17.20 -2.76
CA THR A 153 -15.29 16.46 -1.51
C THR A 153 -16.05 15.15 -1.68
N PHE A 154 -17.14 15.18 -2.45
CA PHE A 154 -17.86 13.94 -2.77
C PHE A 154 -16.94 12.97 -3.52
N LEU A 155 -16.16 13.47 -4.47
CA LEU A 155 -15.27 12.60 -5.23
C LEU A 155 -14.19 12.02 -4.34
N ARG A 156 -13.69 12.81 -3.38
CA ARG A 156 -12.71 12.29 -2.43
C ARG A 156 -13.32 11.16 -1.59
N ASN A 157 -14.57 11.34 -1.15
CA ASN A 157 -15.24 10.26 -0.42
C ASN A 157 -15.39 9.02 -1.28
N VAL A 158 -15.75 9.20 -2.56
CA VAL A 158 -15.87 8.06 -3.47
C VAL A 158 -14.54 7.33 -3.59
N THR A 159 -13.43 8.08 -3.74
CA THR A 159 -12.13 7.44 -3.90
C THR A 159 -11.68 6.76 -2.61
N TRP A 160 -12.04 7.33 -1.46
CA TRP A 160 -11.76 6.66 -0.19
C TRP A 160 -12.50 5.34 -0.10
N VAL A 161 -13.76 5.31 -0.55
CA VAL A 161 -14.50 4.05 -0.57
C VAL A 161 -13.84 3.06 -1.52
N MET A 162 -13.35 3.55 -2.66
CA MET A 162 -12.64 2.66 -3.59
C MET A 162 -11.41 2.06 -2.94
N VAL A 163 -10.63 2.89 -2.24
CA VAL A 163 -9.46 2.38 -1.52
C VAL A 163 -9.88 1.29 -0.54
N ASN A 164 -10.90 1.57 0.27
CA ASN A 164 -11.37 0.56 1.22
C ASN A 164 -11.82 -0.71 0.51
N LEU A 165 -12.37 -0.58 -0.71
CA LEU A 165 -12.74 -1.76 -1.48
C LEU A 165 -11.52 -2.55 -1.93
N CYS A 166 -10.40 -1.86 -2.17
CA CYS A 166 -9.21 -2.53 -2.68
C CYS A 166 -8.31 -3.09 -1.58
N ARG A 167 -8.41 -2.58 -0.35
CA ARG A 167 -7.59 -3.12 0.73
C ARG A 167 -8.11 -4.51 1.11
N HIS A 168 -7.40 -5.14 2.07
CA HIS A 168 -7.69 -6.52 2.44
C HIS A 168 -7.41 -7.45 1.28
N LYS A 169 -6.45 -8.36 1.45
CA LYS A 169 -6.09 -9.34 0.42
C LYS A 169 -6.20 -10.76 0.96
N ASP A 170 -7.05 -10.96 1.97
CA ASP A 170 -7.24 -12.28 2.59
C ASP A 170 -8.71 -12.41 2.99
N PRO A 171 -9.60 -12.65 2.02
CA PRO A 171 -9.34 -12.77 0.58
C PRO A 171 -9.23 -11.43 -0.15
N PRO A 172 -8.68 -11.44 -1.36
CA PRO A 172 -8.66 -10.22 -2.17
C PRO A 172 -10.02 -9.98 -2.80
N PRO A 173 -10.29 -8.75 -3.25
CA PRO A 173 -11.57 -8.48 -3.89
C PRO A 173 -11.76 -9.38 -5.09
N PRO A 174 -13.01 -9.73 -5.42
CA PRO A 174 -13.25 -10.60 -6.57
C PRO A 174 -12.65 -10.01 -7.85
N MET A 175 -12.31 -10.90 -8.78
CA MET A 175 -11.71 -10.47 -10.03
C MET A 175 -12.64 -9.52 -10.79
N GLU A 176 -13.94 -9.79 -10.78
CA GLU A 176 -14.89 -8.93 -11.49
C GLU A 176 -14.87 -7.52 -10.90
N THR A 177 -14.77 -7.42 -9.57
CA THR A 177 -14.73 -6.10 -8.94
C THR A 177 -13.45 -5.34 -9.32
N ILE A 178 -12.32 -6.04 -9.39
CA ILE A 178 -11.09 -5.40 -9.83
C ILE A 178 -11.23 -4.92 -11.28
N GLN A 179 -11.83 -5.75 -12.13
CA GLN A 179 -12.02 -5.35 -13.52
C GLN A 179 -12.94 -4.14 -13.64
N GLU A 180 -13.90 -4.00 -12.72
CA GLU A 180 -14.77 -2.83 -12.74
C GLU A 180 -14.05 -1.60 -12.20
N ILE A 181 -13.19 -1.77 -11.19
CA ILE A 181 -12.55 -0.63 -10.55
C ILE A 181 -11.40 -0.08 -11.39
N LEU A 182 -10.68 -0.94 -12.12
CA LEU A 182 -9.51 -0.46 -12.83
C LEU A 182 -9.80 0.66 -13.82
N PRO A 183 -10.87 0.61 -14.63
CA PRO A 183 -11.16 1.77 -15.49
C PRO A 183 -11.39 3.07 -14.72
N ALA A 184 -12.05 2.99 -13.57
CA ALA A 184 -12.23 4.19 -12.75
C ALA A 184 -10.88 4.75 -12.32
N LEU A 185 -9.94 3.88 -11.95
CA LEU A 185 -8.61 4.35 -11.58
C LEU A 185 -7.87 4.94 -12.78
N CYS A 186 -8.03 4.34 -13.96
CA CYS A 186 -7.45 4.91 -15.17
C CYS A 186 -7.97 6.32 -15.39
N VAL A 187 -9.26 6.55 -15.11
CA VAL A 187 -9.81 7.89 -15.26
C VAL A 187 -9.24 8.83 -14.20
N LEU A 188 -9.19 8.36 -12.95
CA LEU A 188 -8.84 9.22 -11.82
C LEU A 188 -7.36 9.53 -11.73
N ILE A 189 -6.50 8.73 -12.36
CA ILE A 189 -5.06 8.98 -12.30
C ILE A 189 -4.65 10.21 -13.08
N HIS A 190 -5.55 10.77 -13.89
CA HIS A 190 -5.31 12.02 -14.58
C HIS A 190 -5.89 13.23 -13.84
N HIS A 191 -6.46 13.02 -12.67
CA HIS A 191 -7.01 14.12 -11.88
C HIS A 191 -5.88 14.95 -11.29
N THR A 192 -6.17 16.24 -11.04
CA THR A 192 -5.18 17.16 -10.51
C THR A 192 -5.16 17.23 -8.99
N ASP A 193 -6.30 16.95 -8.34
CA ASP A 193 -6.37 17.04 -6.89
C ASP A 193 -5.42 16.04 -6.24
N VAL A 194 -4.67 16.50 -5.24
CA VAL A 194 -3.68 15.66 -4.59
C VAL A 194 -4.34 14.47 -3.88
N ASN A 195 -5.45 14.73 -3.18
CA ASN A 195 -6.09 13.66 -2.42
C ASN A 195 -6.59 12.55 -3.33
N ILE A 196 -7.20 12.91 -4.46
CA ILE A 196 -7.70 11.90 -5.39
C ILE A 196 -6.54 11.09 -5.95
N LEU A 197 -5.43 11.75 -6.28
CA LEU A 197 -4.26 11.03 -6.77
C LEU A 197 -3.73 10.06 -5.74
N VAL A 198 -3.63 10.51 -4.48
CA VAL A 198 -3.11 9.64 -3.42
C VAL A 198 -4.01 8.43 -3.23
N ASP A 199 -5.33 8.64 -3.25
CA ASP A 199 -6.26 7.53 -3.11
C ASP A 199 -6.16 6.57 -4.28
N THR A 200 -6.13 7.11 -5.50
CA THR A 200 -6.00 6.28 -6.69
C THR A 200 -4.76 5.41 -6.62
N VAL A 201 -3.63 6.01 -6.25
CA VAL A 201 -2.37 5.27 -6.26
C VAL A 201 -2.29 4.29 -5.10
N TRP A 202 -2.90 4.60 -3.96
CA TRP A 202 -2.96 3.62 -2.88
C TRP A 202 -3.84 2.44 -3.26
N ALA A 203 -4.94 2.70 -3.95
CA ALA A 203 -5.76 1.60 -4.47
C ALA A 203 -4.96 0.73 -5.44
N LEU A 204 -4.20 1.37 -6.33
CA LEU A 204 -3.36 0.60 -7.25
C LEU A 204 -2.29 -0.19 -6.50
N SER A 205 -1.76 0.37 -5.41
CA SER A 205 -0.75 -0.34 -4.65
C SER A 205 -1.34 -1.57 -3.95
N TYR A 206 -2.56 -1.43 -3.44
CA TYR A 206 -3.23 -2.59 -2.85
C TYR A 206 -3.53 -3.64 -3.91
N LEU A 207 -3.95 -3.21 -5.11
CA LEU A 207 -4.26 -4.16 -6.17
C LEU A 207 -3.02 -4.88 -6.68
N THR A 208 -1.87 -4.19 -6.72
CA THR A 208 -0.65 -4.82 -7.22
C THR A 208 0.07 -5.64 -6.16
N ASP A 209 -0.40 -5.62 -4.91
CA ASP A 209 0.19 -6.40 -3.83
C ASP A 209 -0.57 -7.70 -3.59
N ALA A 210 -1.34 -8.16 -4.57
CA ALA A 210 -2.19 -9.35 -4.42
C ALA A 210 -1.87 -10.42 -5.45
N GLY A 211 -0.62 -10.50 -5.88
CA GLY A 211 -0.18 -11.55 -6.79
C GLY A 211 0.03 -11.04 -8.20
N ASN A 212 0.60 -11.93 -9.02
CA ASN A 212 0.96 -11.57 -10.39
C ASN A 212 -0.23 -11.47 -11.32
N GLU A 213 -1.34 -12.14 -11.02
CA GLU A 213 -2.51 -12.04 -11.88
C GLU A 213 -3.13 -10.64 -11.79
N GLN A 214 -3.30 -10.13 -10.58
CA GLN A 214 -3.77 -8.76 -10.43
C GLN A 214 -2.77 -7.77 -11.01
N ILE A 215 -1.47 -8.05 -10.90
CA ILE A 215 -0.47 -7.18 -11.51
C ILE A 215 -0.66 -7.14 -13.02
N GLN A 216 -0.92 -8.30 -13.63
CA GLN A 216 -1.15 -8.32 -15.07
C GLN A 216 -2.43 -7.59 -15.44
N MET A 217 -3.46 -7.69 -14.60
CA MET A 217 -4.67 -6.91 -14.81
C MET A 217 -4.36 -5.42 -14.81
N VAL A 218 -3.60 -4.96 -13.82
CA VAL A 218 -3.23 -3.55 -13.75
C VAL A 218 -2.46 -3.15 -14.99
N ILE A 219 -1.54 -4.00 -15.45
CA ILE A 219 -0.74 -3.68 -16.63
C ILE A 219 -1.64 -3.58 -17.86
N ASP A 220 -2.58 -4.50 -18.01
CA ASP A 220 -3.44 -4.51 -19.20
C ASP A 220 -4.36 -3.30 -19.24
N SER A 221 -4.67 -2.71 -18.08
CA SER A 221 -5.52 -1.54 -18.06
C SER A 221 -4.89 -0.34 -18.76
N GLY A 222 -3.57 -0.34 -18.94
CA GLY A 222 -2.90 0.76 -19.58
C GLY A 222 -2.59 1.93 -18.67
N ILE A 223 -2.54 1.70 -17.36
CA ILE A 223 -2.38 2.79 -16.40
C ILE A 223 -0.92 3.03 -16.00
N VAL A 224 -0.04 2.04 -16.17
CA VAL A 224 1.34 2.18 -15.69
C VAL A 224 2.04 3.37 -16.32
N PRO A 225 1.89 3.65 -17.61
CA PRO A 225 2.56 4.83 -18.18
C PRO A 225 2.20 6.13 -17.50
N HIS A 226 1.04 6.19 -16.84
CA HIS A 226 0.64 7.37 -16.08
C HIS A 226 0.90 7.22 -14.59
N LEU A 227 1.26 6.03 -14.13
CA LEU A 227 1.68 5.81 -12.75
C LEU A 227 3.16 6.13 -12.55
N VAL A 228 4.01 5.70 -13.49
CA VAL A 228 5.45 5.93 -13.34
C VAL A 228 5.79 7.41 -13.24
N PRO A 229 5.19 8.31 -14.04
CA PRO A 229 5.53 9.74 -13.89
C PRO A 229 5.26 10.29 -12.50
N LEU A 230 4.33 9.70 -11.74
CA LEU A 230 4.03 10.20 -10.41
C LEU A 230 5.19 9.98 -9.44
N LEU A 231 6.18 9.16 -9.81
CA LEU A 231 7.37 9.03 -8.98
C LEU A 231 8.08 10.37 -8.78
N SER A 232 7.91 11.30 -9.72
CA SER A 232 8.54 12.62 -9.66
C SER A 232 7.56 13.71 -9.24
N HIS A 233 6.45 13.33 -8.62
CA HIS A 233 5.45 14.30 -8.20
C HIS A 233 6.00 15.19 -7.09
N GLN A 234 5.47 16.41 -7.00
CA GLN A 234 5.93 17.34 -5.97
C GLN A 234 5.47 16.90 -4.58
N GLU A 235 4.28 16.33 -4.48
CA GLU A 235 3.77 15.88 -3.19
C GLU A 235 4.41 14.54 -2.82
N VAL A 236 4.99 14.48 -1.62
CA VAL A 236 5.73 13.29 -1.21
C VAL A 236 4.79 12.11 -0.98
N LYS A 237 3.52 12.37 -0.63
CA LYS A 237 2.57 11.28 -0.46
C LYS A 237 2.30 10.57 -1.79
N VAL A 238 2.10 11.35 -2.85
CA VAL A 238 1.93 10.77 -4.18
C VAL A 238 3.16 9.95 -4.57
N GLN A 239 4.34 10.49 -4.31
CA GLN A 239 5.58 9.78 -4.63
C GLN A 239 5.64 8.44 -3.88
N THR A 240 5.38 8.47 -2.58
CA THR A 240 5.45 7.24 -1.78
C THR A 240 4.48 6.19 -2.30
N ALA A 241 3.24 6.61 -2.59
CA ALA A 241 2.25 5.65 -3.09
C ALA A 241 2.67 5.09 -4.44
N ALA A 242 3.12 5.95 -5.35
CA ALA A 242 3.52 5.49 -6.68
C ALA A 242 4.70 4.53 -6.59
N LEU A 243 5.66 4.84 -5.71
CA LEU A 243 6.82 3.98 -5.56
C LEU A 243 6.41 2.61 -5.02
N ARG A 244 5.50 2.60 -4.03
CA ARG A 244 4.98 1.31 -3.55
C ARG A 244 4.34 0.53 -4.69
N ALA A 245 3.50 1.18 -5.49
CA ALA A 245 2.78 0.48 -6.55
C ALA A 245 3.75 -0.10 -7.57
N VAL A 246 4.68 0.70 -8.07
CA VAL A 246 5.60 0.20 -9.09
C VAL A 246 6.54 -0.84 -8.50
N GLY A 247 6.91 -0.71 -7.22
CA GLY A 247 7.69 -1.75 -6.59
C GLY A 247 6.96 -3.08 -6.58
N ASN A 248 5.69 -3.06 -6.16
CA ASN A 248 4.88 -4.26 -6.21
C ASN A 248 4.87 -4.85 -7.62
N ILE A 249 4.65 -4.00 -8.62
CA ILE A 249 4.61 -4.49 -9.99
C ILE A 249 5.92 -5.18 -10.35
N VAL A 250 7.05 -4.58 -10.01
CA VAL A 250 8.34 -5.16 -10.38
C VAL A 250 8.72 -6.35 -9.50
N THR A 251 7.95 -6.64 -8.45
CA THR A 251 8.14 -7.93 -7.77
C THR A 251 7.63 -9.11 -8.60
N GLY A 252 7.01 -8.86 -9.75
CA GLY A 252 6.47 -9.91 -10.59
C GLY A 252 7.50 -10.51 -11.52
N THR A 253 7.03 -10.96 -12.68
CA THR A 253 7.91 -11.60 -13.66
C THR A 253 8.82 -10.56 -14.32
N ASP A 254 9.78 -11.06 -15.08
CA ASP A 254 10.72 -10.18 -15.77
C ASP A 254 10.01 -9.33 -16.83
N GLU A 255 8.92 -9.83 -17.42
CA GLU A 255 8.23 -9.08 -18.46
C GLU A 255 7.42 -7.92 -17.88
N GLN A 256 6.79 -8.12 -16.73
CA GLN A 256 6.10 -7.03 -16.07
C GLN A 256 7.08 -5.96 -15.59
N THR A 257 8.19 -6.41 -14.98
CA THR A 257 9.27 -5.49 -14.64
C THR A 257 9.74 -4.73 -15.87
N GLN A 258 9.80 -5.41 -17.02
CA GLN A 258 10.27 -4.75 -18.23
C GLN A 258 9.26 -3.74 -18.74
N VAL A 259 7.97 -4.00 -18.57
CA VAL A 259 6.97 -2.98 -18.85
C VAL A 259 7.24 -1.74 -18.01
N VAL A 260 7.39 -1.92 -16.70
CA VAL A 260 7.68 -0.79 -15.83
C VAL A 260 8.92 -0.04 -16.32
N LEU A 261 9.98 -0.78 -16.66
CA LEU A 261 11.21 -0.14 -17.11
C LEU A 261 10.99 0.62 -18.42
N ASN A 262 10.24 0.03 -19.35
CA ASN A 262 9.95 0.68 -20.62
C ASN A 262 9.12 1.95 -20.42
N CYS A 263 8.48 2.11 -19.27
CA CYS A 263 7.87 3.39 -18.95
C CYS A 263 8.88 4.45 -18.48
N ASP A 264 10.18 4.18 -18.62
CA ASP A 264 11.23 5.14 -18.27
C ASP A 264 11.33 5.35 -16.76
N ALA A 265 11.17 4.26 -16.00
CA ALA A 265 11.08 4.38 -14.56
C ALA A 265 12.39 4.82 -13.92
N LEU A 266 13.51 4.23 -14.35
CA LEU A 266 14.78 4.48 -13.68
C LEU A 266 15.18 5.95 -13.72
N SER A 267 14.74 6.68 -14.76
CA SER A 267 15.04 8.10 -14.84
C SER A 267 14.59 8.86 -13.60
N HIS A 268 13.61 8.34 -12.87
CA HIS A 268 13.08 9.02 -11.70
C HIS A 268 13.85 8.70 -10.42
N PHE A 269 14.80 7.77 -10.46
CA PHE A 269 15.33 7.24 -9.22
C PHE A 269 16.54 7.99 -8.67
N PRO A 270 17.28 8.78 -9.46
CA PRO A 270 18.30 9.63 -8.84
C PRO A 270 17.73 10.55 -7.78
N ALA A 271 16.53 11.09 -8.00
CA ALA A 271 15.89 11.94 -7.00
C ALA A 271 15.33 11.13 -5.84
N LEU A 272 14.98 9.86 -6.07
CA LEU A 272 14.46 9.04 -4.99
C LEU A 272 15.58 8.52 -4.09
N LEU A 273 16.72 8.18 -4.69
CA LEU A 273 17.85 7.69 -3.89
C LEU A 273 18.48 8.79 -3.06
N THR A 274 18.41 10.03 -3.53
CA THR A 274 18.94 11.18 -2.79
C THR A 274 17.86 11.90 -2.00
N HIS A 275 16.65 11.34 -1.93
CA HIS A 275 15.56 12.01 -1.24
C HIS A 275 15.90 12.17 0.24
N PRO A 276 15.51 13.27 0.88
CA PRO A 276 15.78 13.43 2.31
C PRO A 276 15.03 12.43 3.19
N LYS A 277 13.93 11.84 2.71
CA LYS A 277 13.13 10.92 3.51
C LYS A 277 13.73 9.53 3.39
N GLU A 278 14.24 9.01 4.52
CA GLU A 278 14.89 7.70 4.49
C GLU A 278 13.96 6.60 3.98
N LYS A 279 12.66 6.70 4.27
CA LYS A 279 11.75 5.67 3.80
C LYS A 279 11.66 5.65 2.28
N ILE A 280 11.79 6.81 1.64
CA ILE A 280 11.79 6.85 0.18
C ILE A 280 13.06 6.22 -0.37
N ASN A 281 14.22 6.53 0.22
CA ASN A 281 15.44 5.85 -0.17
C ASN A 281 15.28 4.34 -0.03
N LYS A 282 14.67 3.90 1.06
CA LYS A 282 14.51 2.47 1.32
C LYS A 282 13.63 1.81 0.25
N GLU A 283 12.47 2.40 -0.02
CA GLU A 283 11.57 1.84 -1.01
C GLU A 283 12.21 1.86 -2.40
N ALA A 284 12.96 2.91 -2.72
CA ALA A 284 13.61 2.98 -4.02
C ALA A 284 14.68 1.90 -4.16
N VAL A 285 15.47 1.69 -3.12
CA VAL A 285 16.48 0.64 -3.16
C VAL A 285 15.82 -0.73 -3.23
N TRP A 286 14.65 -0.89 -2.61
CA TRP A 286 13.90 -2.14 -2.72
C TRP A 286 13.45 -2.39 -4.16
N PHE A 287 12.88 -1.35 -4.78
CA PHE A 287 12.54 -1.43 -6.20
C PHE A 287 13.75 -1.84 -7.02
N LEU A 288 14.88 -1.18 -6.80
CA LEU A 288 16.08 -1.48 -7.59
C LEU A 288 16.60 -2.89 -7.30
N SER A 289 16.43 -3.38 -6.07
CA SER A 289 16.83 -4.75 -5.77
C SER A 289 15.98 -5.75 -6.53
N ASN A 290 14.68 -5.46 -6.68
CA ASN A 290 13.85 -6.31 -7.52
C ASN A 290 14.16 -6.13 -9.00
N ILE A 291 14.79 -5.01 -9.38
CA ILE A 291 15.23 -4.87 -10.77
C ILE A 291 16.50 -5.67 -11.02
N THR A 292 17.42 -5.68 -10.06
CA THR A 292 18.68 -6.38 -10.25
C THR A 292 18.52 -7.89 -10.20
N ALA A 293 17.43 -8.39 -9.63
CA ALA A 293 17.15 -9.81 -9.59
C ALA A 293 16.64 -10.36 -10.92
N GLY A 294 16.64 -9.54 -11.98
CA GLY A 294 16.15 -9.93 -13.28
C GLY A 294 17.26 -10.31 -14.23
N ASN A 295 16.97 -10.19 -15.53
CA ASN A 295 17.90 -10.64 -16.56
C ASN A 295 19.08 -9.69 -16.69
N GLN A 296 20.01 -10.05 -17.58
CA GLN A 296 21.21 -9.25 -17.75
C GLN A 296 20.89 -7.86 -18.26
N GLN A 297 19.88 -7.73 -19.13
CA GLN A 297 19.59 -6.43 -19.72
C GLN A 297 19.01 -5.46 -18.70
N GLN A 298 18.26 -5.96 -17.72
CA GLN A 298 17.71 -5.08 -16.69
C GLN A 298 18.79 -4.64 -15.71
N VAL A 299 19.68 -5.55 -15.34
CA VAL A 299 20.87 -5.18 -14.57
C VAL A 299 21.66 -4.11 -15.32
N GLN A 300 21.81 -4.29 -16.64
CA GLN A 300 22.55 -3.31 -17.43
C GLN A 300 21.81 -2.00 -17.53
N ALA A 301 20.48 -2.02 -17.46
CA ALA A 301 19.71 -0.78 -17.42
C ALA A 301 19.96 -0.04 -16.12
N VAL A 302 20.02 -0.77 -15.00
CA VAL A 302 20.37 -0.13 -13.74
C VAL A 302 21.77 0.46 -13.82
N ILE A 303 22.72 -0.27 -14.42
CA ILE A 303 24.08 0.23 -14.52
C ILE A 303 24.14 1.48 -15.40
N ASP A 304 23.41 1.47 -16.51
CA ASP A 304 23.46 2.58 -17.45
C ASP A 304 22.80 3.83 -16.87
N ALA A 305 21.81 3.65 -16.00
CA ALA A 305 21.19 4.80 -15.34
C ALA A 305 22.08 5.42 -14.27
N ASN A 306 23.27 4.86 -14.04
CA ASN A 306 24.23 5.41 -13.09
C ASN A 306 23.67 5.43 -11.67
N LEU A 307 22.91 4.39 -11.33
CA LEU A 307 22.32 4.27 -10.01
C LEU A 307 23.18 3.46 -9.04
N VAL A 308 24.12 2.67 -9.56
CA VAL A 308 24.90 1.78 -8.70
C VAL A 308 25.72 2.55 -7.67
N PRO A 309 26.42 3.64 -8.01
CA PRO A 309 27.17 4.37 -6.98
C PRO A 309 26.30 4.84 -5.83
N MET A 310 25.08 5.32 -6.12
CA MET A 310 24.20 5.77 -5.04
C MET A 310 23.71 4.59 -4.20
N ILE A 311 23.47 3.45 -4.84
CA ILE A 311 23.09 2.26 -4.08
C ILE A 311 24.20 1.87 -3.12
N ILE A 312 25.46 1.90 -3.59
CA ILE A 312 26.58 1.55 -2.72
C ILE A 312 26.74 2.59 -1.61
N HIS A 313 26.53 3.86 -1.93
CA HIS A 313 26.62 4.89 -0.90
C HIS A 313 25.57 4.66 0.18
N LEU A 314 24.36 4.27 -0.21
CA LEU A 314 23.34 3.99 0.79
C LEU A 314 23.68 2.73 1.59
N LEU A 315 24.26 1.74 0.92
CA LEU A 315 24.75 0.56 1.64
C LEU A 315 25.75 0.97 2.71
N ASP A 316 26.58 1.97 2.42
CA ASP A 316 27.62 2.38 3.36
C ASP A 316 27.05 3.25 4.48
N LYS A 317 26.31 4.30 4.14
CA LYS A 317 25.97 5.38 5.06
C LYS A 317 24.48 5.49 5.36
N GLY A 318 23.66 4.55 4.85
CA GLY A 318 22.23 4.66 5.02
C GLY A 318 21.73 4.03 6.31
N ASP A 319 20.48 4.36 6.65
CA ASP A 319 19.83 3.72 7.79
C ASP A 319 19.76 2.20 7.55
N PHE A 320 19.44 1.48 8.63
CA PHE A 320 19.55 0.02 8.57
C PHE A 320 18.61 -0.57 7.54
N GLY A 321 17.41 -0.02 7.40
CA GLY A 321 16.47 -0.57 6.42
C GLY A 321 16.96 -0.38 4.98
N THR A 322 17.38 0.84 4.66
CA THR A 322 17.95 1.10 3.34
C THR A 322 19.18 0.23 3.11
N GLN A 323 19.98 0.00 4.16
CA GLN A 323 21.14 -0.87 4.04
C GLN A 323 20.74 -2.31 3.75
N LYS A 324 19.66 -2.78 4.40
CA LYS A 324 19.13 -4.10 4.09
C LYS A 324 18.79 -4.20 2.61
N GLU A 325 18.00 -3.25 2.12
CA GLU A 325 17.57 -3.30 0.72
C GLU A 325 18.76 -3.20 -0.22
N ALA A 326 19.78 -2.41 0.15
CA ALA A 326 20.95 -2.27 -0.71
C ALA A 326 21.76 -3.56 -0.74
N ALA A 327 21.92 -4.21 0.41
CA ALA A 327 22.58 -5.50 0.43
C ALA A 327 21.83 -6.50 -0.45
N TRP A 328 20.50 -6.49 -0.37
CA TRP A 328 19.71 -7.38 -1.21
C TRP A 328 19.91 -7.06 -2.69
N ALA A 329 20.02 -5.78 -3.04
CA ALA A 329 20.25 -5.41 -4.44
C ALA A 329 21.61 -5.92 -4.92
N ILE A 330 22.66 -5.68 -4.13
CA ILE A 330 23.99 -6.14 -4.50
C ILE A 330 24.00 -7.65 -4.67
N SER A 331 23.35 -8.38 -3.75
CA SER A 331 23.37 -9.83 -3.82
C SER A 331 22.49 -10.36 -4.94
N ASN A 332 21.43 -9.63 -5.29
CA ASN A 332 20.58 -10.04 -6.40
C ASN A 332 21.29 -9.86 -7.74
N LEU A 333 22.15 -8.85 -7.85
CA LEU A 333 22.85 -8.64 -9.11
C LEU A 333 23.59 -9.89 -9.56
N THR A 334 24.06 -10.71 -8.62
CA THR A 334 24.82 -11.91 -8.97
C THR A 334 23.93 -13.01 -9.57
N ILE A 335 22.62 -12.93 -9.37
CA ILE A 335 21.74 -14.02 -9.80
C ILE A 335 21.90 -14.28 -11.29
N SER A 336 21.79 -13.22 -12.10
CA SER A 336 21.90 -13.35 -13.55
C SER A 336 22.87 -12.34 -14.15
N GLY A 337 23.72 -11.73 -13.33
CA GLY A 337 24.65 -10.72 -13.83
C GLY A 337 25.90 -11.36 -14.43
N ARG A 338 26.38 -10.76 -15.52
CA ARG A 338 27.61 -11.20 -16.13
C ARG A 338 28.80 -10.86 -15.24
N LYS A 339 29.95 -11.46 -15.55
CA LYS A 339 31.17 -11.13 -14.82
C LYS A 339 31.57 -9.68 -15.07
N ASP A 340 31.24 -9.14 -16.24
CA ASP A 340 31.48 -7.72 -16.50
C ASP A 340 30.70 -6.84 -15.53
N GLN A 341 29.42 -7.18 -15.31
CA GLN A 341 28.58 -6.36 -14.46
C GLN A 341 28.98 -6.47 -12.99
N VAL A 342 29.54 -7.61 -12.57
CA VAL A 342 30.04 -7.74 -11.21
C VAL A 342 31.40 -7.04 -11.08
N ALA A 343 32.21 -7.06 -12.13
CA ALA A 343 33.45 -6.31 -12.13
C ALA A 343 33.18 -4.82 -11.99
N TYR A 344 32.11 -4.34 -12.63
CA TYR A 344 31.73 -2.94 -12.43
C TYR A 344 31.47 -2.64 -10.96
N LEU A 345 30.79 -3.55 -10.26
CA LEU A 345 30.57 -3.35 -8.83
C LEU A 345 31.90 -3.33 -8.07
N ILE A 346 32.80 -4.25 -8.40
CA ILE A 346 34.10 -4.27 -7.72
C ILE A 346 34.83 -2.95 -7.92
N GLN A 347 34.74 -2.39 -9.14
CA GLN A 347 35.40 -1.11 -9.41
C GLN A 347 34.77 0.03 -8.61
N GLN A 348 33.49 -0.11 -8.25
CA GLN A 348 32.78 0.93 -7.50
C GLN A 348 32.95 0.79 -5.99
N ASN A 349 33.86 -0.08 -5.54
CA ASN A 349 34.20 -0.21 -4.13
C ASN A 349 33.00 -0.71 -3.32
N VAL A 350 32.41 -1.82 -3.79
CA VAL A 350 31.28 -2.41 -3.09
C VAL A 350 31.75 -3.23 -1.89
N ILE A 351 32.97 -3.78 -1.95
CA ILE A 351 33.39 -4.76 -0.95
C ILE A 351 33.41 -4.18 0.46
N PRO A 352 34.03 -3.04 0.73
CA PRO A 352 34.12 -2.56 2.13
C PRO A 352 32.76 -2.35 2.76
N PRO A 353 31.89 -1.52 2.17
CA PRO A 353 30.58 -1.28 2.79
C PRO A 353 29.71 -2.52 2.78
N PHE A 354 29.88 -3.40 1.79
CA PHE A 354 29.10 -4.63 1.75
C PHE A 354 29.52 -5.60 2.85
N CYS A 355 30.80 -5.57 3.23
CA CYS A 355 31.28 -6.43 4.31
C CYS A 355 30.98 -5.84 5.68
N ASN A 356 30.91 -4.51 5.78
CA ASN A 356 30.61 -3.90 7.07
C ASN A 356 29.27 -4.34 7.65
N LEU A 357 28.42 -5.02 6.88
CA LEU A 357 27.13 -5.47 7.36
C LEU A 357 27.19 -6.83 8.05
N LEU A 358 28.34 -7.51 8.04
CA LEU A 358 28.42 -8.86 8.59
C LEU A 358 28.33 -8.88 10.11
N THR A 359 28.37 -7.74 10.78
CA THR A 359 28.31 -7.67 12.23
C THR A 359 26.92 -7.34 12.76
N VAL A 360 25.95 -7.06 11.88
CA VAL A 360 24.62 -6.70 12.33
C VAL A 360 23.96 -7.91 12.98
N LYS A 361 23.13 -7.64 14.00
CA LYS A 361 22.43 -8.72 14.69
C LYS A 361 21.47 -9.45 13.76
N ASP A 362 20.89 -8.74 12.79
CA ASP A 362 19.93 -9.35 11.89
C ASP A 362 20.59 -10.47 11.09
N ALA A 363 20.10 -11.70 11.28
CA ALA A 363 20.73 -12.85 10.64
C ALA A 363 20.46 -12.87 9.13
N GLN A 364 19.29 -12.39 8.70
CA GLN A 364 18.97 -12.40 7.28
C GLN A 364 19.97 -11.56 6.49
N VAL A 365 20.32 -10.39 7.02
CA VAL A 365 21.27 -9.52 6.33
C VAL A 365 22.64 -10.19 6.23
N VAL A 366 23.10 -10.81 7.31
CA VAL A 366 24.38 -11.48 7.30
C VAL A 366 24.38 -12.61 6.28
N GLN A 367 23.28 -13.38 6.24
CA GLN A 367 23.17 -14.45 5.26
C GLN A 367 23.25 -13.92 3.84
N VAL A 368 22.52 -12.84 3.56
CA VAL A 368 22.52 -12.27 2.22
C VAL A 368 23.91 -11.78 1.84
N VAL A 369 24.60 -11.13 2.78
CA VAL A 369 25.93 -10.60 2.49
C VAL A 369 26.92 -11.73 2.25
N LEU A 370 26.85 -12.80 3.05
CA LEU A 370 27.72 -13.95 2.83
C LEU A 370 27.45 -14.57 1.47
N ASP A 371 26.17 -14.74 1.12
CA ASP A 371 25.82 -15.27 -0.19
C ASP A 371 26.44 -14.43 -1.30
N GLY A 372 26.27 -13.11 -1.21
CA GLY A 372 26.80 -12.24 -2.24
C GLY A 372 28.31 -12.30 -2.35
N LEU A 373 29.00 -12.31 -1.21
CA LEU A 373 30.46 -12.42 -1.23
C LEU A 373 30.91 -13.72 -1.87
N SER A 374 30.26 -14.83 -1.53
CA SER A 374 30.65 -16.12 -2.10
C SER A 374 30.41 -16.13 -3.61
N ASN A 375 29.26 -15.61 -4.05
CA ASN A 375 28.99 -15.57 -5.49
C ASN A 375 29.98 -14.69 -6.22
N ILE A 376 30.37 -13.56 -5.61
CA ILE A 376 31.34 -12.67 -6.21
C ILE A 376 32.68 -13.38 -6.37
N LEU A 377 33.12 -14.07 -5.32
CA LEU A 377 34.39 -14.79 -5.39
C LEU A 377 34.33 -15.90 -6.44
N LYS A 378 33.19 -16.58 -6.56
CA LYS A 378 33.07 -17.65 -7.55
C LYS A 378 33.11 -17.10 -8.96
N MET A 379 32.41 -15.99 -9.21
CA MET A 379 32.33 -15.48 -10.58
C MET A 379 33.69 -15.03 -11.08
N ALA A 380 34.47 -14.33 -10.25
CA ALA A 380 35.75 -13.77 -10.66
C ALA A 380 36.85 -14.78 -10.32
N GLU A 381 36.97 -15.81 -11.17
CA GLU A 381 38.01 -16.81 -10.97
C GLU A 381 39.39 -16.23 -11.23
N ASP A 382 39.52 -15.40 -12.26
CA ASP A 382 40.83 -14.82 -12.58
C ASP A 382 41.26 -13.81 -11.53
N GLU A 383 40.31 -13.06 -10.97
CA GLU A 383 40.60 -12.02 -9.98
C GLU A 383 40.16 -12.44 -8.57
N ALA A 384 40.15 -13.75 -8.30
CA ALA A 384 39.71 -14.23 -7.00
C ALA A 384 40.67 -13.79 -5.89
N GLU A 385 41.98 -13.85 -6.17
CA GLU A 385 42.96 -13.52 -5.14
C GLU A 385 42.92 -12.04 -4.78
N THR A 386 42.84 -11.17 -5.78
CA THR A 386 42.79 -9.74 -5.51
C THR A 386 41.51 -9.37 -4.77
N ILE A 387 40.39 -10.02 -5.12
CA ILE A 387 39.14 -9.73 -4.42
C ILE A 387 39.19 -10.24 -2.99
N GLY A 388 39.87 -11.37 -2.76
CA GLY A 388 40.07 -11.82 -1.38
C GLY A 388 40.94 -10.86 -0.60
N ASN A 389 41.98 -10.32 -1.24
CA ASN A 389 42.81 -9.31 -0.58
C ASN A 389 41.98 -8.07 -0.23
N LEU A 390 41.11 -7.65 -1.15
CA LEU A 390 40.21 -6.53 -0.86
C LEU A 390 39.32 -6.85 0.34
N ILE A 391 38.71 -8.04 0.34
CA ILE A 391 37.86 -8.44 1.45
C ILE A 391 38.64 -8.43 2.76
N GLU A 392 39.93 -8.73 2.70
CA GLU A 392 40.74 -8.79 3.91
C GLU A 392 41.19 -7.42 4.39
N GLU A 393 41.40 -6.48 3.46
CA GLU A 393 41.88 -5.16 3.84
C GLU A 393 40.86 -4.41 4.68
N CYS A 394 39.58 -4.53 4.34
CA CYS A 394 38.51 -3.82 5.04
C CYS A 394 38.11 -4.48 6.36
N GLY A 395 38.86 -5.48 6.82
CA GLY A 395 38.49 -6.19 8.03
C GLY A 395 37.40 -7.22 7.85
N GLY A 396 37.08 -7.59 6.61
CA GLY A 396 36.02 -8.55 6.39
C GLY A 396 36.40 -9.96 6.75
N LEU A 397 37.69 -10.31 6.63
CA LEU A 397 38.12 -11.66 6.98
C LEU A 397 37.89 -11.95 8.45
N GLU A 398 38.18 -11.00 9.32
CA GLU A 398 37.93 -11.21 10.74
C GLU A 398 36.44 -11.39 11.02
N LYS A 399 35.59 -10.60 10.34
CA LYS A 399 34.15 -10.77 10.49
C LYS A 399 33.72 -12.17 10.07
N ILE A 400 34.20 -12.62 8.91
CA ILE A 400 33.80 -13.93 8.40
C ILE A 400 34.27 -15.03 9.34
N GLU A 401 35.46 -14.86 9.93
CA GLU A 401 35.99 -15.88 10.82
C GLU A 401 35.25 -15.89 12.16
N GLN A 402 34.83 -14.72 12.64
CA GLN A 402 33.99 -14.68 13.84
C GLN A 402 32.63 -15.31 13.57
N LEU A 403 32.11 -15.16 12.35
CA LEU A 403 30.82 -15.76 12.02
C LEU A 403 30.86 -17.29 12.08
N GLN A 404 32.05 -17.89 12.14
CA GLN A 404 32.13 -19.33 12.35
C GLN A 404 31.56 -19.76 13.69
N ASN A 405 31.45 -18.83 14.64
CA ASN A 405 30.92 -19.11 15.97
C ASN A 405 29.48 -18.62 16.13
N HIS A 406 28.76 -18.47 15.03
CA HIS A 406 27.42 -17.90 15.08
C HIS A 406 26.39 -18.96 15.48
N GLU A 407 25.16 -18.51 15.71
CA GLU A 407 24.09 -19.41 16.13
C GLU A 407 23.45 -20.11 14.93
N ASN A 408 23.06 -19.34 13.92
CA ASN A 408 22.39 -19.92 12.76
C ASN A 408 23.28 -20.95 12.08
N GLU A 409 22.65 -21.96 11.50
CA GLU A 409 23.39 -23.04 10.85
C GLU A 409 23.98 -22.57 9.52
N ASP A 410 23.13 -22.06 8.63
CA ASP A 410 23.59 -21.63 7.32
C ASP A 410 24.68 -20.58 7.43
N ILE A 411 24.64 -19.74 8.45
CA ILE A 411 25.62 -18.66 8.57
C ILE A 411 27.02 -19.24 8.74
N TYR A 412 27.23 -20.07 9.76
CA TYR A 412 28.57 -20.61 9.97
C TYR A 412 28.92 -21.63 8.88
N LYS A 413 27.93 -22.30 8.30
CA LYS A 413 28.20 -23.16 7.15
C LYS A 413 28.85 -22.36 6.03
N LEU A 414 28.20 -21.26 5.61
CA LEU A 414 28.77 -20.43 4.56
C LEU A 414 30.09 -19.83 4.98
N ALA A 415 30.23 -19.47 6.26
CA ALA A 415 31.50 -18.90 6.72
C ALA A 415 32.64 -19.89 6.55
N TYR A 416 32.45 -21.12 7.02
CA TYR A 416 33.48 -22.14 6.87
C TYR A 416 33.75 -22.41 5.39
N GLU A 417 32.70 -22.50 4.58
CA GLU A 417 32.90 -22.78 3.15
C GLU A 417 33.72 -21.69 2.49
N ILE A 418 33.37 -20.43 2.74
CA ILE A 418 34.09 -19.30 2.17
C ILE A 418 35.55 -19.32 2.62
N ILE A 419 35.78 -19.47 3.92
CA ILE A 419 37.14 -19.46 4.46
C ILE A 419 37.96 -20.57 3.83
N ASP A 420 37.38 -21.77 3.69
CA ASP A 420 38.13 -22.89 3.14
C ASP A 420 38.45 -22.68 1.66
N GLN A 421 37.47 -22.21 0.88
CA GLN A 421 37.66 -22.15 -0.56
C GLN A 421 38.54 -20.98 -0.97
N PHE A 422 38.24 -19.77 -0.47
CA PHE A 422 38.86 -18.56 -1.00
C PHE A 422 39.82 -17.88 -0.03
N PHE A 423 40.10 -18.49 1.13
CA PHE A 423 41.05 -17.91 2.07
C PHE A 423 42.07 -18.94 2.57
N SER A 424 42.12 -20.13 1.96
CA SER A 424 43.15 -21.11 2.28
C SER A 424 44.02 -21.34 1.04
N SER A 425 43.50 -22.13 0.09
CA SER A 425 44.16 -22.38 -1.18
C SER A 425 45.67 -22.54 -1.04
N ARG B 31 -9.00 3.69 7.62
CA ARG B 31 -10.05 2.94 6.94
C ARG B 31 -11.42 3.54 7.23
N LYS B 32 -11.64 3.90 8.49
CA LYS B 32 -12.93 4.39 8.96
C LYS B 32 -12.85 5.89 9.26
N ARG B 33 -13.92 6.60 8.93
CA ARG B 33 -14.00 8.05 9.10
C ARG B 33 -15.26 8.42 9.85
N GLN B 34 -15.11 9.18 10.94
CA GLN B 34 -16.24 9.76 11.64
C GLN B 34 -16.58 11.10 11.01
N LYS B 35 -17.87 11.35 10.79
CA LYS B 35 -18.32 12.62 10.24
C LYS B 35 -18.54 13.57 11.42
N LEU B 36 -17.55 14.44 11.66
CA LEU B 36 -17.63 15.42 12.73
C LEU B 36 -18.27 16.71 12.20
N MET B 37 -19.21 17.25 12.97
CA MET B 37 -19.88 18.49 12.61
C MET B 37 -18.86 19.58 12.32
N PRO B 38 -18.74 20.05 11.06
CA PRO B 38 -17.75 21.09 10.74
C PRO B 38 -18.23 22.50 11.10
#